data_7HL7
#
_entry.id   7HL7
#
_cell.length_a   82.437
_cell.length_b   116.952
_cell.length_c   149.281
_cell.angle_alpha   90.00
_cell.angle_beta   90.00
_cell.angle_gamma   90.00
#
_symmetry.space_group_name_H-M   'I 2 2 2'
#
loop_
_entity.id
_entity.type
_entity.pdbx_description
1 polymer 'Genome polyprotein'
2 non-polymer 'ZINC ION'
3 non-polymer '2-(N-MORPHOLINO)-ETHANESULFONIC ACID'
4 non-polymer 'DIMETHYL SULFOXIDE'
5 non-polymer 'PHOSPHATE ION'
6 non-polymer DI(HYDROXYETHYL)ETHER
7 non-polymer "1'H-spiro[cyclopentane-1,2'-quinazolin]-4'(3'H)-one"
8 water water
#
_entity_poly.entity_id   1
_entity_poly.type   'polypeptide(L)'
_entity_poly.pdbx_seq_one_letter_code
;GPGIESETPNLDIIGKRIEKIKQEHETSWHYDQDHPYKTWAYHGSYETKQTGSASSMVNGVVRLLTKPWDIIPMVTQMAM
TDTTPFGQQRVFKEKVDTRTQEPKEGTKKLMKITAEWLWKELGKKKTPRMCTREEFTRKVRSNAALGAIFTDENKWKSAR
EAVEDSGFWELVDKERNLHLEGKCETCVYNMMGKREKKLGEFGKAKGSRAIWYMWLGARFLEFEALGFLNEDHWFSRENS
LSGVEGEGLHKLGYILRDVSKKEGGAMYADDTAGWDTRITLEDLKNEEMVTNHMEGEHKKLAEAIFKLTYQNKVVRVQRP
TPRGTVMDIISRRDQRGSGQVVTYGLNTFTNMEAQLIRQMEGEGVFKSIQHLTVTEEIAVKNWLVRVGRERLSRMAISGD
DCVVKPLDDRFASALTALNDMGKVRKDIQQWEPSRGWNDWTQVPFCSHHFHELIMKDGRVLVVPCRNQDELIGRARISQG
AGWSLRETACLGKSYAQMWSLMYFHRRDLRLAANAICSAVPSHWVPTSRTTWSIHATHEWMTTEDMLTVWNRVWIQENPW
MEDKTPVESWEEIPYLGKREDQWCGSLIGLTSRATWAKNIQTAINQVRSLIGNEEYTDYMPSMKRFRREEEEAGVLW
;
_entity_poly.pdbx_strand_id   A
#
loop_
_chem_comp.id
_chem_comp.type
_chem_comp.name
_chem_comp.formula
A1BDN non-polymer 1'H-spiro[cyclopentane-1,2'-quinazolin]-4'(3'H)-one 'C12 H14 N2 O'
DMS non-polymer 'DIMETHYL SULFOXIDE' 'C2 H6 O S'
MES non-polymer '2-(N-MORPHOLINO)-ETHANESULFONIC ACID' 'C6 H13 N O4 S'
PEG non-polymer DI(HYDROXYETHYL)ETHER 'C4 H10 O3'
PO4 non-polymer 'PHOSPHATE ION' 'O4 P -3'
ZN non-polymer 'ZINC ION' 'Zn 2'
#
# COMPACT_ATOMS: atom_id res chain seq x y z
N ASN A 10 -22.25 -5.24 -22.60
CA ASN A 10 -21.46 -4.13 -23.21
C ASN A 10 -22.23 -2.81 -22.99
N LEU A 11 -22.71 -2.17 -24.07
CA LEU A 11 -23.14 -0.74 -24.09
C LEU A 11 -24.44 -0.54 -23.30
N ASP A 12 -25.17 -1.61 -23.01
CA ASP A 12 -26.37 -1.58 -22.13
C ASP A 12 -25.96 -1.06 -20.73
N ILE A 13 -24.82 -1.49 -20.19
CA ILE A 13 -24.36 -1.17 -18.80
C ILE A 13 -23.52 0.12 -18.80
N ILE A 14 -22.73 0.38 -19.86
CA ILE A 14 -21.75 1.51 -19.87
C ILE A 14 -22.26 2.70 -20.72
N GLY A 15 -23.21 2.48 -21.65
CA GLY A 15 -23.71 3.48 -22.61
C GLY A 15 -24.18 4.76 -21.95
N LYS A 16 -24.95 4.64 -20.87
CA LYS A 16 -25.57 5.75 -20.11
C LYS A 16 -24.47 6.74 -19.66
N ARG A 17 -23.45 6.25 -18.96
CA ARG A 17 -22.24 7.03 -18.58
C ARG A 17 -21.63 7.68 -19.83
N ILE A 18 -21.55 6.92 -20.92
CA ILE A 18 -20.90 7.37 -22.20
C ILE A 18 -21.80 8.47 -22.79
N GLU A 19 -23.10 8.18 -22.95
CA GLU A 19 -24.12 9.16 -23.42
C GLU A 19 -23.90 10.50 -22.73
N LYS A 20 -23.88 10.51 -21.39
CA LYS A 20 -23.87 11.74 -20.54
C LYS A 20 -22.63 12.59 -20.82
N ILE A 21 -21.45 11.97 -20.97
CA ILE A 21 -20.17 12.69 -21.21
C ILE A 21 -20.22 13.31 -22.62
N LYS A 22 -20.75 12.56 -23.59
CA LYS A 22 -20.98 12.98 -25.00
C LYS A 22 -21.60 14.40 -25.04
N GLN A 23 -22.70 14.62 -24.32
CA GLN A 23 -23.54 15.85 -24.41
C GLN A 23 -22.86 17.07 -23.77
N GLU A 24 -22.05 16.87 -22.74
CA GLU A 24 -21.38 17.97 -21.99
C GLU A 24 -20.22 18.52 -22.83
N HIS A 25 -19.78 17.78 -23.84
CA HIS A 25 -18.75 18.18 -24.84
C HIS A 25 -19.31 17.93 -26.24
N GLU A 26 -20.57 18.33 -26.47
CA GLU A 26 -21.32 18.15 -27.75
C GLU A 26 -20.59 18.91 -28.88
N THR A 27 -19.93 20.02 -28.55
CA THR A 27 -19.18 20.88 -29.50
C THR A 27 -17.86 20.20 -29.92
N SER A 28 -17.40 19.14 -29.24
CA SER A 28 -16.03 18.56 -29.37
C SER A 28 -16.03 17.08 -29.80
N TRP A 29 -17.16 16.36 -29.75
CA TRP A 29 -17.21 14.88 -29.93
C TRP A 29 -16.74 14.49 -31.33
N HIS A 30 -15.82 13.51 -31.44
CA HIS A 30 -15.28 12.98 -32.72
C HIS A 30 -14.63 11.62 -32.49
N TYR A 31 -15.06 10.57 -33.22
CA TYR A 31 -14.37 9.25 -33.23
C TYR A 31 -13.04 9.41 -33.99
N ASP A 32 -11.95 9.63 -33.23
CA ASP A 32 -10.56 9.74 -33.73
C ASP A 32 -10.16 8.42 -34.40
N GLN A 33 -9.63 8.50 -35.63
CA GLN A 33 -9.29 7.34 -36.48
C GLN A 33 -7.87 6.85 -36.11
N ASP A 34 -7.06 7.71 -35.47
CA ASP A 34 -5.64 7.44 -35.11
C ASP A 34 -5.51 7.14 -33.61
N HIS A 35 -6.50 6.47 -32.99
CA HIS A 35 -6.51 6.15 -31.53
C HIS A 35 -5.46 5.07 -31.24
N PRO A 36 -4.66 5.20 -30.16
CA PRO A 36 -3.61 4.24 -29.83
C PRO A 36 -4.01 2.95 -29.10
N TYR A 37 -5.29 2.76 -28.76
CA TYR A 37 -5.80 1.64 -27.93
C TYR A 37 -5.92 0.37 -28.79
N LYS A 38 -5.57 -0.78 -28.21
CA LYS A 38 -5.76 -2.12 -28.84
C LYS A 38 -6.60 -3.04 -27.95
N THR A 39 -6.40 -3.01 -26.63
CA THR A 39 -7.10 -3.91 -25.66
C THR A 39 -8.26 -3.18 -24.99
N TRP A 40 -8.17 -1.85 -24.83
CA TRP A 40 -9.26 -0.95 -24.35
C TRP A 40 -10.22 -0.66 -25.51
N ALA A 41 -11.52 -0.87 -25.30
CA ALA A 41 -12.60 -0.38 -26.18
C ALA A 41 -12.62 1.15 -26.14
N TYR A 42 -12.37 1.79 -27.29
CA TYR A 42 -12.41 3.26 -27.50
C TYR A 42 -13.84 3.65 -27.87
N HIS A 43 -14.17 4.93 -27.70
CA HIS A 43 -15.57 5.37 -27.92
C HIS A 43 -15.60 6.79 -28.53
N GLY A 44 -14.72 7.69 -28.09
CA GLY A 44 -14.68 9.08 -28.59
C GLY A 44 -13.60 9.91 -27.92
N SER A 45 -13.44 11.16 -28.37
CA SER A 45 -12.53 12.17 -27.76
C SER A 45 -13.30 13.48 -27.51
N TYR A 46 -12.67 14.41 -26.78
CA TYR A 46 -13.15 15.81 -26.53
C TYR A 46 -11.97 16.68 -26.05
N GLU A 47 -12.12 18.00 -26.13
CA GLU A 47 -11.02 19.00 -26.00
C GLU A 47 -10.79 19.36 -24.54
N THR A 48 -9.52 19.34 -24.09
CA THR A 48 -9.06 19.85 -22.77
C THR A 48 -7.66 20.45 -22.98
N LYS A 49 -7.02 20.96 -21.92
CA LYS A 49 -5.67 21.58 -22.00
C LYS A 49 -5.11 21.77 -20.59
N GLN A 50 -4.40 20.78 -20.07
CA GLN A 50 -3.85 20.78 -18.69
C GLN A 50 -2.83 19.65 -18.51
N THR A 51 -2.28 19.52 -17.29
CA THR A 51 -1.32 18.44 -16.89
C THR A 51 -2.04 17.10 -16.88
N ALA A 54 2.08 17.93 -11.87
CA ALA A 54 2.37 17.80 -10.42
C ALA A 54 3.73 17.10 -10.23
N SER A 55 4.83 17.87 -10.32
CA SER A 55 6.23 17.38 -10.17
C SER A 55 6.61 17.26 -8.68
N SER A 56 7.74 16.63 -8.40
CA SER A 56 8.24 16.41 -7.02
C SER A 56 9.12 17.61 -6.61
N MET A 57 8.75 18.28 -5.53
CA MET A 57 9.39 19.51 -5.02
C MET A 57 10.38 19.11 -3.92
N VAL A 58 11.48 19.83 -3.72
CA VAL A 58 12.45 19.49 -2.65
C VAL A 58 11.99 20.09 -1.31
N ASN A 59 12.11 19.32 -0.23
CA ASN A 59 11.97 19.78 1.17
C ASN A 59 13.29 20.40 1.65
N GLY A 60 13.35 21.73 1.72
CA GLY A 60 14.59 22.48 2.05
C GLY A 60 15.07 22.28 3.47
N VAL A 61 14.15 22.04 4.41
CA VAL A 61 14.53 21.78 5.80
C VAL A 61 15.33 20.47 5.85
N VAL A 62 14.81 19.39 5.26
CA VAL A 62 15.52 18.08 5.30
C VAL A 62 16.82 18.19 4.48
N ARG A 63 16.80 18.82 3.31
CA ARG A 63 18.01 18.87 2.46
C ARG A 63 19.10 19.67 3.18
N LEU A 64 18.79 20.82 3.80
CA LEU A 64 19.85 21.63 4.49
C LEU A 64 20.46 20.81 5.65
N LEU A 65 19.74 19.84 6.21
CA LEU A 65 20.28 19.04 7.36
C LEU A 65 20.81 17.67 6.90
N THR A 66 20.90 17.42 5.59
CA THR A 66 21.50 16.20 5.04
C THR A 66 22.54 16.57 3.94
N LYS A 67 23.44 17.50 4.21
CA LYS A 67 24.39 18.01 3.19
C LYS A 67 25.23 16.91 2.54
N PRO A 68 25.79 15.89 3.24
CA PRO A 68 26.67 14.92 2.58
C PRO A 68 25.98 14.24 1.39
N TRP A 69 24.64 14.13 1.42
CA TRP A 69 23.87 13.42 0.37
C TRP A 69 23.66 14.32 -0.85
N ASP A 70 24.06 15.62 -0.79
CA ASP A 70 23.89 16.55 -1.94
C ASP A 70 24.77 16.08 -3.14
N ILE A 71 25.76 15.23 -2.90
CA ILE A 71 26.70 14.74 -3.95
C ILE A 71 26.51 13.24 -4.19
N ILE A 72 25.41 12.64 -3.74
CA ILE A 72 25.11 11.19 -3.94
C ILE A 72 24.01 11.10 -4.98
N PRO A 73 24.32 10.69 -6.22
CA PRO A 73 23.32 10.64 -7.29
C PRO A 73 22.09 9.80 -6.97
N MET A 74 22.24 8.68 -6.26
CA MET A 74 21.06 7.85 -5.94
C MET A 74 20.05 8.68 -5.11
N VAL A 75 20.50 9.67 -4.34
CA VAL A 75 19.58 10.57 -3.58
C VAL A 75 19.11 11.70 -4.48
N THR A 76 20.01 12.42 -5.13
CA THR A 76 19.70 13.68 -5.83
C THR A 76 18.84 13.41 -7.06
N GLN A 77 19.03 12.26 -7.73
CA GLN A 77 18.23 11.93 -8.95
C GLN A 77 16.78 11.62 -8.60
N MET A 78 16.48 11.18 -7.37
CA MET A 78 15.09 10.84 -6.96
C MET A 78 14.17 12.05 -7.06
N ALA A 79 14.68 13.28 -6.87
CA ALA A 79 13.86 14.52 -6.86
C ALA A 79 13.65 15.06 -8.29
N MET A 80 14.31 14.50 -9.31
CA MET A 80 14.24 15.02 -10.70
C MET A 80 13.04 14.40 -11.47
N THR A 81 12.56 15.10 -12.50
CA THR A 81 11.70 14.55 -13.58
C THR A 81 10.24 14.96 -13.46
N PHE A 92 4.52 1.32 -16.77
CA PHE A 92 4.39 1.16 -18.24
C PHE A 92 2.90 1.22 -18.63
N LYS A 93 2.55 2.08 -19.59
CA LYS A 93 1.18 2.15 -20.19
C LYS A 93 1.15 1.26 -21.45
N GLU A 94 2.28 0.62 -21.77
CA GLU A 94 2.38 -0.58 -22.65
C GLU A 94 2.19 -1.86 -21.82
N LYS A 95 1.63 -1.74 -20.61
CA LYS A 95 1.22 -2.89 -19.74
C LYS A 95 -0.26 -2.79 -19.35
N VAL A 96 -0.80 -1.58 -19.12
CA VAL A 96 -2.27 -1.37 -18.95
C VAL A 96 -2.96 -1.80 -20.24
N ASP A 97 -2.32 -1.54 -21.40
CA ASP A 97 -2.84 -1.88 -22.75
C ASP A 97 -2.20 -3.20 -23.23
N THR A 98 -2.28 -4.25 -22.39
CA THR A 98 -2.07 -5.68 -22.78
C THR A 98 -3.30 -6.49 -22.33
N ARG A 99 -3.41 -7.74 -22.76
CA ARG A 99 -4.58 -8.62 -22.48
C ARG A 99 -4.12 -9.83 -21.67
N THR A 100 -5.04 -10.42 -20.91
CA THR A 100 -4.86 -11.66 -20.11
C THR A 100 -5.83 -12.71 -20.64
N GLN A 101 -5.35 -13.94 -20.86
CA GLN A 101 -6.13 -15.07 -21.43
C GLN A 101 -7.07 -15.65 -20.35
N GLU A 102 -8.16 -16.29 -20.77
CA GLU A 102 -9.11 -17.01 -19.87
C GLU A 102 -8.39 -18.23 -19.29
N PRO A 103 -8.42 -18.42 -17.96
CA PRO A 103 -7.88 -19.64 -17.35
C PRO A 103 -8.62 -20.89 -17.84
N LYS A 104 -7.97 -22.05 -17.77
CA LYS A 104 -8.51 -23.39 -18.10
C LYS A 104 -9.61 -23.74 -17.09
N GLU A 105 -10.36 -24.80 -17.35
CA GLU A 105 -11.56 -25.20 -16.56
C GLU A 105 -11.13 -25.71 -15.18
N GLY A 106 -10.06 -26.51 -15.11
CA GLY A 106 -9.49 -26.96 -13.83
C GLY A 106 -9.09 -25.76 -12.95
N THR A 107 -8.46 -24.75 -13.55
CA THR A 107 -8.01 -23.52 -12.82
C THR A 107 -9.23 -22.76 -12.27
N LYS A 108 -10.21 -22.44 -13.13
CA LYS A 108 -11.51 -21.81 -12.76
C LYS A 108 -12.19 -22.55 -11.60
N LYS A 109 -12.18 -23.88 -11.60
CA LYS A 109 -12.74 -24.71 -10.50
C LYS A 109 -11.93 -24.49 -9.21
N LEU A 110 -10.60 -24.56 -9.28
CA LEU A 110 -9.70 -24.39 -8.10
C LEU A 110 -9.94 -23.03 -7.47
N MET A 111 -9.99 -22.00 -8.30
CA MET A 111 -10.22 -20.61 -7.82
C MET A 111 -11.60 -20.49 -7.13
N LYS A 112 -12.65 -21.13 -7.68
CA LYS A 112 -14.05 -20.94 -7.22
C LYS A 112 -14.19 -21.63 -5.87
N ILE A 113 -13.71 -22.86 -5.73
CA ILE A 113 -13.70 -23.61 -4.44
C ILE A 113 -12.91 -22.83 -3.39
N THR A 114 -11.71 -22.35 -3.74
CA THR A 114 -10.81 -21.67 -2.78
C THR A 114 -11.45 -20.35 -2.34
N ALA A 115 -11.97 -19.56 -3.26
CA ALA A 115 -12.61 -18.26 -2.96
C ALA A 115 -13.84 -18.46 -2.07
N GLU A 116 -14.69 -19.44 -2.41
CA GLU A 116 -15.90 -19.78 -1.60
C GLU A 116 -15.43 -20.05 -0.16
N TRP A 117 -14.42 -20.89 -0.02
CA TRP A 117 -13.91 -21.30 1.30
C TRP A 117 -13.33 -20.07 2.03
N LEU A 118 -12.62 -19.20 1.32
CA LEU A 118 -11.84 -18.11 1.95
C LEU A 118 -12.79 -17.03 2.48
N TRP A 119 -13.82 -16.62 1.74
CA TRP A 119 -14.85 -15.64 2.23
C TRP A 119 -15.57 -16.18 3.47
N LYS A 120 -15.90 -17.48 3.49
CA LYS A 120 -16.49 -18.09 4.71
C LYS A 120 -15.52 -17.99 5.87
N GLU A 121 -14.23 -18.34 5.72
CA GLU A 121 -13.28 -18.23 6.86
C GLU A 121 -13.19 -16.78 7.31
N LEU A 122 -13.15 -15.84 6.36
CA LEU A 122 -12.93 -14.41 6.73
C LEU A 122 -14.19 -13.93 7.45
N GLY A 123 -15.35 -14.50 7.08
CA GLY A 123 -16.71 -14.18 7.57
C GLY A 123 -17.05 -14.83 8.89
N LYS A 124 -16.35 -15.86 9.34
CA LYS A 124 -16.71 -16.55 10.60
C LYS A 124 -16.80 -15.57 11.79
N LYS A 125 -15.88 -14.63 11.96
CA LYS A 125 -15.87 -13.75 13.15
C LYS A 125 -16.15 -12.28 12.78
N LYS A 126 -16.73 -12.02 11.61
CA LYS A 126 -16.99 -10.65 11.13
C LYS A 126 -18.39 -10.61 10.55
N THR A 127 -19.02 -9.43 10.54
CA THR A 127 -20.35 -9.21 9.92
C THR A 127 -20.28 -8.10 8.88
N PRO A 128 -20.55 -8.39 7.60
CA PRO A 128 -20.60 -7.36 6.59
C PRO A 128 -21.67 -6.33 6.97
N ARG A 129 -21.40 -5.07 6.65
CA ARG A 129 -22.28 -3.93 7.01
C ARG A 129 -21.92 -2.72 6.13
N MET A 130 -22.88 -1.81 5.94
CA MET A 130 -22.68 -0.56 5.18
C MET A 130 -21.89 0.41 6.04
N CYS A 131 -21.02 1.20 5.41
CA CYS A 131 -20.32 2.33 6.04
C CYS A 131 -21.19 3.58 5.84
N THR A 132 -21.05 4.57 6.72
CA THR A 132 -22.07 5.64 6.89
C THR A 132 -21.56 6.94 6.28
N ARG A 133 -22.48 7.83 5.90
CA ARG A 133 -22.19 9.24 5.54
C ARG A 133 -21.34 9.85 6.65
N GLU A 134 -21.71 9.57 7.90
CA GLU A 134 -21.02 10.08 9.11
C GLU A 134 -19.56 9.61 9.07
N GLU A 135 -19.32 8.32 8.80
CA GLU A 135 -17.95 7.73 8.75
C GLU A 135 -17.16 8.37 7.60
N PHE A 136 -17.82 8.52 6.44
CA PHE A 136 -17.22 9.12 5.22
C PHE A 136 -16.83 10.57 5.49
N THR A 137 -17.77 11.34 6.07
CA THR A 137 -17.56 12.76 6.47
C THR A 137 -16.37 12.87 7.43
N ARG A 138 -16.27 11.98 8.42
CA ARG A 138 -15.17 12.05 9.40
C ARG A 138 -13.84 11.85 8.67
N LYS A 139 -13.78 10.91 7.72
CA LYS A 139 -12.56 10.60 6.93
C LYS A 139 -12.10 11.85 6.18
N VAL A 140 -13.02 12.56 5.52
CA VAL A 140 -12.67 13.76 4.68
C VAL A 140 -12.15 14.88 5.60
N ARG A 141 -12.68 14.99 6.82
CA ARG A 141 -12.34 16.07 7.79
C ARG A 141 -11.06 15.73 8.55
N SER A 142 -10.31 14.70 8.14
CA SER A 142 -8.96 14.39 8.67
C SER A 142 -8.04 13.86 7.56
N ASN A 143 -8.27 14.31 6.31
CA ASN A 143 -7.30 14.27 5.18
C ASN A 143 -6.74 12.87 4.96
N ALA A 144 -7.59 11.90 4.56
CA ALA A 144 -7.18 10.60 4.00
C ALA A 144 -7.23 10.71 2.47
N ALA A 145 -6.38 9.96 1.76
CA ALA A 145 -6.35 9.87 0.29
C ALA A 145 -7.52 9.01 -0.19
N LEU A 146 -8.64 9.66 -0.57
CA LEU A 146 -9.87 8.99 -1.07
C LEU A 146 -9.97 9.10 -2.59
N GLY A 147 -8.85 9.39 -3.27
CA GLY A 147 -8.71 9.43 -4.74
C GLY A 147 -9.90 10.06 -5.45
N ALA A 148 -10.25 11.32 -5.11
CA ALA A 148 -11.39 12.09 -5.70
C ALA A 148 -10.85 13.23 -6.60
N ILE A 149 -11.73 13.83 -7.41
CA ILE A 149 -11.42 14.94 -8.38
C ILE A 149 -12.08 16.24 -7.90
N PHE A 150 -11.68 17.38 -8.51
CA PHE A 150 -12.25 18.74 -8.26
C PHE A 150 -13.77 18.72 -8.47
N ASN A 154 -17.05 19.81 -11.84
CA ASN A 154 -16.70 20.64 -10.65
C ASN A 154 -17.90 21.51 -10.27
N LYS A 155 -18.05 21.79 -8.97
CA LYS A 155 -19.20 22.54 -8.38
C LYS A 155 -18.82 23.05 -6.97
N TRP A 156 -18.11 22.23 -6.18
CA TRP A 156 -17.47 22.58 -4.89
C TRP A 156 -15.95 22.57 -5.08
N LYS A 157 -15.21 23.30 -4.23
CA LYS A 157 -13.73 23.38 -4.31
C LYS A 157 -13.13 22.02 -3.90
N SER A 158 -13.07 21.76 -2.60
CA SER A 158 -12.42 20.57 -1.99
C SER A 158 -13.49 19.56 -1.55
N ALA A 159 -13.04 18.42 -1.03
CA ALA A 159 -13.90 17.36 -0.42
C ALA A 159 -14.63 17.93 0.81
N ARG A 160 -13.92 18.70 1.63
CA ARG A 160 -14.43 19.26 2.91
C ARG A 160 -15.76 20.00 2.67
N GLU A 161 -15.93 20.69 1.53
CA GLU A 161 -17.09 21.59 1.26
C GLU A 161 -18.26 20.82 0.64
N ALA A 162 -17.99 19.86 -0.25
CA ALA A 162 -19.02 18.99 -0.88
C ALA A 162 -19.81 18.25 0.21
N VAL A 163 -19.09 17.80 1.24
CA VAL A 163 -19.58 16.95 2.36
C VAL A 163 -20.47 17.79 3.29
N GLU A 164 -20.22 19.10 3.35
CA GLU A 164 -20.98 20.05 4.22
C GLU A 164 -22.16 20.67 3.45
N ASP A 165 -22.46 20.20 2.23
CA ASP A 165 -23.50 20.76 1.34
C ASP A 165 -24.50 19.68 0.96
N SER A 166 -25.79 19.93 1.20
CA SER A 166 -26.91 18.98 1.00
C SER A 166 -27.13 18.65 -0.48
N GLY A 167 -26.74 19.54 -1.40
CA GLY A 167 -26.88 19.37 -2.85
C GLY A 167 -26.12 18.15 -3.35
N PHE A 168 -24.86 18.05 -2.93
CA PHE A 168 -23.99 16.85 -3.09
C PHE A 168 -24.78 15.59 -2.75
N TRP A 169 -25.25 15.48 -1.50
CA TRP A 169 -25.90 14.25 -1.00
C TRP A 169 -27.14 13.91 -1.87
N GLU A 170 -27.75 14.90 -2.53
CA GLU A 170 -28.90 14.66 -3.46
C GLU A 170 -28.40 14.02 -4.75
N LEU A 171 -27.18 14.36 -5.19
CA LEU A 171 -26.52 13.73 -6.37
C LEU A 171 -26.19 12.27 -6.01
N VAL A 172 -25.54 12.08 -4.86
CA VAL A 172 -25.28 10.75 -4.22
C VAL A 172 -26.59 9.96 -4.22
N ASP A 173 -27.67 10.53 -3.68
CA ASP A 173 -29.02 9.90 -3.63
C ASP A 173 -29.46 9.45 -5.03
N LYS A 174 -29.40 10.33 -6.04
CA LYS A 174 -29.88 9.99 -7.42
C LYS A 174 -29.14 8.73 -7.90
N GLU A 175 -27.80 8.76 -7.82
CA GLU A 175 -26.93 7.62 -8.24
C GLU A 175 -27.27 6.39 -7.42
N ARG A 176 -27.35 6.56 -6.08
CA ARG A 176 -27.66 5.46 -5.14
C ARG A 176 -28.91 4.71 -5.63
N ASN A 177 -29.99 5.44 -5.95
CA ASN A 177 -31.29 4.83 -6.37
C ASN A 177 -31.15 4.23 -7.78
N LEU A 178 -30.33 4.82 -8.64
CA LEU A 178 -29.97 4.23 -9.97
C LEU A 178 -29.28 2.87 -9.79
N HIS A 179 -28.37 2.71 -8.82
CA HIS A 179 -27.69 1.42 -8.51
C HIS A 179 -28.69 0.35 -8.00
N LEU A 180 -29.61 0.71 -7.09
CA LEU A 180 -30.70 -0.19 -6.60
C LEU A 180 -31.55 -0.67 -7.80
N GLU A 181 -31.59 0.13 -8.86
CA GLU A 181 -32.28 -0.14 -10.15
C GLU A 181 -31.34 -0.90 -11.12
N GLY A 182 -30.08 -1.16 -10.72
CA GLY A 182 -29.10 -1.94 -11.50
C GLY A 182 -28.51 -1.19 -12.69
N LYS A 183 -28.45 0.14 -12.64
CA LYS A 183 -27.92 1.02 -13.72
C LYS A 183 -26.96 2.06 -13.10
N CYS A 184 -26.13 2.73 -13.92
CA CYS A 184 -25.08 3.68 -13.46
C CYS A 184 -25.02 4.87 -14.43
N GLU A 185 -24.87 6.10 -13.93
CA GLU A 185 -24.80 7.31 -14.80
C GLU A 185 -23.50 8.08 -14.62
N THR A 186 -22.92 8.13 -13.41
CA THR A 186 -21.82 9.10 -13.12
C THR A 186 -20.56 8.42 -12.54
N CYS A 187 -20.54 7.10 -12.36
CA CYS A 187 -19.36 6.37 -11.79
C CYS A 187 -18.32 6.10 -12.90
N VAL A 188 -17.50 7.10 -13.19
CA VAL A 188 -16.50 7.16 -14.31
C VAL A 188 -15.10 7.35 -13.73
N TYR A 189 -14.12 6.56 -14.17
CA TYR A 189 -12.72 6.69 -13.70
C TYR A 189 -12.00 7.77 -14.52
N ASN A 190 -11.09 8.50 -13.87
CA ASN A 190 -10.09 9.41 -14.47
C ASN A 190 -8.68 8.88 -14.16
N MET A 191 -7.93 8.46 -15.17
CA MET A 191 -6.61 7.79 -15.02
C MET A 191 -5.52 8.86 -14.83
N MET A 192 -4.51 8.58 -13.99
CA MET A 192 -3.36 9.50 -13.72
C MET A 192 -2.25 8.79 -12.91
N SER A 208 5.15 4.39 -11.98
CA SER A 208 5.32 3.74 -10.65
C SER A 208 3.98 3.24 -10.10
N ARG A 209 2.97 4.12 -10.00
CA ARG A 209 1.67 3.85 -9.34
C ARG A 209 0.52 4.46 -10.14
N ALA A 210 -0.50 3.66 -10.50
CA ALA A 210 -1.70 4.06 -11.27
C ALA A 210 -2.88 4.26 -10.30
N ILE A 211 -3.46 5.47 -10.31
CA ILE A 211 -4.65 5.83 -9.47
C ILE A 211 -5.83 6.16 -10.40
N TRP A 212 -7.02 5.68 -10.02
CA TRP A 212 -8.29 5.85 -10.75
C TRP A 212 -9.18 6.83 -9.98
N TYR A 213 -8.88 8.13 -10.05
CA TYR A 213 -9.68 9.20 -9.41
C TYR A 213 -11.11 9.12 -9.94
N MET A 214 -12.09 9.17 -9.04
CA MET A 214 -13.54 9.30 -9.37
C MET A 214 -14.01 10.58 -8.71
N TRP A 215 -15.23 11.05 -9.01
CA TRP A 215 -15.82 12.15 -8.21
C TRP A 215 -16.20 11.60 -6.83
N LEU A 216 -16.27 12.48 -5.84
CA LEU A 216 -16.39 12.15 -4.40
C LEU A 216 -17.60 11.23 -4.18
N GLY A 217 -18.69 11.46 -4.94
CA GLY A 217 -19.95 10.72 -4.85
C GLY A 217 -19.82 9.25 -5.20
N ALA A 218 -19.12 8.93 -6.30
CA ALA A 218 -18.81 7.53 -6.71
C ALA A 218 -17.95 6.87 -5.64
N ARG A 219 -17.04 7.64 -5.03
CA ARG A 219 -16.10 7.15 -3.97
C ARG A 219 -16.93 6.82 -2.74
N PHE A 220 -17.91 7.69 -2.44
CA PHE A 220 -18.81 7.48 -1.28
C PHE A 220 -19.51 6.14 -1.42
N LEU A 221 -20.16 5.93 -2.57
CA LEU A 221 -20.98 4.72 -2.85
C LEU A 221 -20.09 3.47 -2.82
N GLU A 222 -18.84 3.57 -3.30
CA GLU A 222 -17.88 2.44 -3.16
C GLU A 222 -17.65 2.22 -1.64
N PHE A 223 -17.42 3.26 -0.85
CA PHE A 223 -17.09 3.16 0.60
C PHE A 223 -18.29 2.58 1.37
N GLU A 224 -19.49 3.03 1.03
CA GLU A 224 -20.73 2.60 1.70
C GLU A 224 -20.87 1.08 1.57
N ALA A 225 -20.51 0.52 0.41
CA ALA A 225 -20.79 -0.88 0.07
C ALA A 225 -19.64 -1.80 0.48
N LEU A 226 -18.39 -1.34 0.40
CA LEU A 226 -17.20 -2.24 0.52
C LEU A 226 -16.20 -1.72 1.54
N GLY A 227 -16.48 -0.58 2.19
CA GLY A 227 -15.58 0.03 3.19
C GLY A 227 -15.36 -0.86 4.39
N PHE A 228 -16.33 -1.70 4.69
CA PHE A 228 -16.30 -2.62 5.86
C PHE A 228 -15.06 -3.50 5.81
N LEU A 229 -14.56 -3.86 4.61
CA LEU A 229 -13.36 -4.73 4.48
C LEU A 229 -12.19 -4.10 5.22
N ASN A 230 -11.98 -2.80 5.03
CA ASN A 230 -10.89 -2.06 5.72
C ASN A 230 -11.35 -1.57 7.10
N GLU A 231 -12.52 -0.94 7.19
CA GLU A 231 -12.98 -0.30 8.45
C GLU A 231 -13.06 -1.35 9.57
N ASP A 232 -13.46 -2.59 9.26
CA ASP A 232 -13.65 -3.67 10.27
C ASP A 232 -12.53 -4.73 10.14
N HIS A 233 -11.42 -4.41 9.44
CA HIS A 233 -10.14 -5.15 9.58
C HIS A 233 -10.31 -6.63 9.19
N TRP A 234 -10.91 -6.91 8.05
CA TRP A 234 -11.11 -8.29 7.52
C TRP A 234 -9.74 -8.94 7.19
N PHE A 235 -8.73 -8.13 6.86
CA PHE A 235 -7.36 -8.61 6.49
C PHE A 235 -6.36 -8.36 7.61
N SER A 236 -6.81 -8.17 8.85
CA SER A 236 -5.91 -8.25 10.03
C SER A 236 -5.30 -9.64 10.08
N ARG A 237 -4.16 -9.81 10.71
CA ARG A 237 -3.55 -11.15 10.88
C ARG A 237 -4.44 -12.06 11.75
N GLU A 238 -5.04 -11.52 12.83
CA GLU A 238 -5.95 -12.28 13.72
C GLU A 238 -7.09 -12.87 12.87
N ASN A 239 -7.67 -12.08 11.97
CA ASN A 239 -8.85 -12.53 11.20
C ASN A 239 -8.51 -13.40 9.98
N SER A 240 -7.49 -13.07 9.18
CA SER A 240 -7.23 -13.67 7.84
C SER A 240 -6.05 -14.67 7.88
N LEU A 241 -5.24 -14.67 8.94
CA LEU A 241 -4.05 -15.50 9.26
C LEU A 241 -2.85 -15.17 8.35
N SER A 242 -3.07 -14.91 7.06
CA SER A 242 -2.03 -14.50 6.07
C SER A 242 -1.84 -12.99 6.08
N GLY A 243 -2.89 -12.24 6.40
CA GLY A 243 -2.88 -10.77 6.22
C GLY A 243 -2.02 -10.07 7.24
N VAL A 244 -1.76 -8.78 6.99
CA VAL A 244 -0.98 -7.92 7.91
C VAL A 244 -1.64 -6.53 7.99
N GLU A 245 -2.92 -6.41 7.65
CA GLU A 245 -3.62 -5.08 7.67
C GLU A 245 -3.52 -4.55 9.10
N GLY A 246 -3.11 -3.28 9.22
CA GLY A 246 -3.02 -2.56 10.51
C GLY A 246 -1.78 -2.93 11.32
N GLU A 247 -0.82 -3.66 10.74
CA GLU A 247 0.34 -4.15 11.52
C GLU A 247 1.31 -2.99 11.78
N GLY A 248 2.09 -2.58 10.78
CA GLY A 248 3.16 -1.57 10.97
C GLY A 248 4.54 -2.19 10.94
N LEU A 249 5.56 -1.38 10.65
N LEU A 249 5.59 -1.45 10.56
CA LEU A 249 6.93 -1.83 10.27
CA LEU A 249 6.96 -1.95 10.26
C LEU A 249 7.65 -2.41 11.49
C LEU A 249 7.62 -2.54 11.52
N HIS A 250 7.21 -2.07 12.70
CA HIS A 250 7.71 -2.59 14.00
C HIS A 250 7.17 -4.02 14.27
N LYS A 251 6.24 -4.48 13.42
CA LYS A 251 5.56 -5.81 13.59
C LYS A 251 5.91 -6.79 12.47
N LEU A 252 6.24 -6.26 11.27
CA LEU A 252 6.37 -7.10 10.03
C LEU A 252 7.57 -8.04 10.14
N GLY A 253 8.67 -7.59 10.75
CA GLY A 253 9.86 -8.44 10.94
C GLY A 253 9.58 -9.58 11.92
N TYR A 254 8.88 -9.29 13.02
CA TYR A 254 8.52 -10.34 14.00
C TYR A 254 7.57 -11.35 13.34
N ILE A 255 6.66 -10.88 12.48
CA ILE A 255 5.74 -11.78 11.75
C ILE A 255 6.56 -12.70 10.81
N LEU A 256 7.49 -12.16 10.03
CA LEU A 256 8.32 -13.02 9.15
C LEU A 256 9.13 -14.01 9.98
N ARG A 257 9.67 -13.60 11.14
CA ARG A 257 10.46 -14.54 11.99
C ARG A 257 9.52 -15.66 12.49
N ASP A 258 8.26 -15.36 12.79
CA ASP A 258 7.30 -16.41 13.27
C ASP A 258 7.03 -17.40 12.12
N VAL A 259 6.85 -16.93 10.89
CA VAL A 259 6.68 -17.79 9.69
C VAL A 259 7.94 -18.68 9.56
N SER A 260 9.14 -18.14 9.79
CA SER A 260 10.42 -18.89 9.62
C SER A 260 10.47 -20.08 10.60
N LYS A 261 9.74 -20.04 11.70
CA LYS A 261 9.79 -21.05 12.79
C LYS A 261 9.03 -22.32 12.39
N LYS A 262 8.14 -22.22 11.40
CA LYS A 262 7.38 -23.37 10.87
C LYS A 262 8.38 -24.33 10.25
N GLU A 263 8.14 -25.64 10.36
CA GLU A 263 8.92 -26.62 9.57
C GLU A 263 8.51 -26.42 8.10
N GLY A 264 9.45 -26.50 7.17
CA GLY A 264 9.14 -26.57 5.74
C GLY A 264 10.33 -26.16 4.90
N GLY A 265 10.10 -25.68 3.68
CA GLY A 265 11.16 -25.39 2.73
C GLY A 265 11.67 -23.97 2.84
N ALA A 266 12.27 -23.46 1.77
CA ALA A 266 12.76 -22.06 1.68
C ALA A 266 11.60 -21.10 1.92
N MET A 267 11.91 -19.82 2.13
CA MET A 267 10.87 -18.75 2.12
C MET A 267 10.86 -18.15 0.71
N TYR A 268 9.71 -18.18 0.04
CA TYR A 268 9.53 -17.67 -1.34
C TYR A 268 8.88 -16.30 -1.27
N ALA A 269 9.38 -15.37 -2.07
CA ALA A 269 8.86 -13.99 -2.12
C ALA A 269 8.83 -13.54 -3.57
N ASP A 270 7.98 -14.16 -4.37
CA ASP A 270 7.99 -13.91 -5.83
C ASP A 270 7.10 -12.70 -6.09
N ASP A 271 7.60 -11.66 -6.73
CA ASP A 271 6.77 -10.49 -7.11
C ASP A 271 6.06 -10.84 -8.43
N THR A 272 4.81 -10.39 -8.59
CA THR A 272 4.05 -10.49 -9.86
C THR A 272 4.41 -9.29 -10.72
N ALA A 273 4.62 -9.51 -12.02
CA ALA A 273 4.76 -8.42 -13.02
C ALA A 273 3.37 -7.78 -13.26
N GLY A 274 3.16 -6.55 -12.75
CA GLY A 274 1.97 -5.73 -13.06
C GLY A 274 0.68 -6.34 -12.51
N TRP A 275 0.65 -6.66 -11.21
CA TRP A 275 -0.47 -7.39 -10.58
C TRP A 275 -1.84 -6.84 -11.04
N ASP A 276 -2.08 -5.53 -10.94
CA ASP A 276 -3.40 -4.90 -11.21
C ASP A 276 -3.83 -5.21 -12.65
N THR A 277 -2.88 -5.31 -13.58
CA THR A 277 -3.16 -5.59 -15.01
C THR A 277 -3.43 -7.08 -15.24
N ARG A 278 -3.15 -7.98 -14.28
CA ARG A 278 -3.32 -9.45 -14.45
C ARG A 278 -4.57 -9.94 -13.72
N ILE A 279 -5.41 -9.06 -13.17
CA ILE A 279 -6.70 -9.43 -12.52
C ILE A 279 -7.69 -9.80 -13.63
N THR A 280 -8.11 -11.06 -13.69
CA THR A 280 -9.01 -11.58 -14.74
C THR A 280 -10.47 -11.30 -14.38
N LEU A 281 -11.36 -11.43 -15.35
CA LEU A 281 -12.81 -11.30 -15.08
C LEU A 281 -13.20 -12.45 -14.13
N GLU A 282 -12.52 -13.59 -14.18
CA GLU A 282 -12.79 -14.71 -13.24
C GLU A 282 -12.42 -14.31 -11.80
N ASP A 283 -11.27 -13.64 -11.61
CA ASP A 283 -10.85 -13.03 -10.33
C ASP A 283 -11.96 -12.10 -9.81
N LEU A 284 -12.43 -11.15 -10.62
CA LEU A 284 -13.48 -10.16 -10.20
C LEU A 284 -14.78 -10.88 -9.80
N LYS A 285 -15.09 -12.03 -10.39
CA LYS A 285 -16.30 -12.84 -10.11
C LYS A 285 -16.11 -13.57 -8.78
N ASN A 286 -14.92 -14.10 -8.50
CA ASN A 286 -14.68 -14.74 -7.18
C ASN A 286 -14.65 -13.66 -6.09
N GLU A 287 -14.12 -12.48 -6.35
CA GLU A 287 -14.14 -11.36 -5.35
C GLU A 287 -15.60 -10.96 -5.00
N GLU A 288 -16.46 -10.88 -6.01
N GLU A 288 -16.45 -10.89 -6.02
CA GLU A 288 -17.89 -10.50 -5.88
CA GLU A 288 -17.90 -10.52 -5.92
C GLU A 288 -18.66 -11.46 -4.96
C GLU A 288 -18.66 -11.46 -4.99
N MET A 289 -18.16 -12.68 -4.76
CA MET A 289 -18.84 -13.68 -3.89
C MET A 289 -18.90 -13.21 -2.43
N VAL A 290 -18.20 -12.13 -2.06
CA VAL A 290 -18.38 -11.59 -0.68
C VAL A 290 -19.85 -11.17 -0.51
N THR A 291 -20.55 -10.77 -1.58
CA THR A 291 -22.01 -10.37 -1.56
C THR A 291 -22.91 -11.53 -1.09
N ASN A 292 -22.49 -12.78 -1.27
CA ASN A 292 -23.25 -13.98 -0.78
C ASN A 292 -23.41 -13.94 0.74
N HIS A 293 -22.66 -13.10 1.44
CA HIS A 293 -22.63 -13.01 2.93
C HIS A 293 -23.42 -11.80 3.42
N MET A 294 -24.00 -11.04 2.49
CA MET A 294 -24.73 -9.78 2.76
C MET A 294 -26.25 -10.01 2.66
N GLU A 295 -27.06 -9.00 2.97
CA GLU A 295 -28.55 -9.03 2.93
C GLU A 295 -29.08 -7.63 2.69
N GLY A 296 -30.35 -7.52 2.29
CA GLY A 296 -31.12 -6.25 2.21
C GLY A 296 -30.50 -5.29 1.20
N GLU A 297 -30.59 -3.99 1.52
CA GLU A 297 -30.02 -2.85 0.73
C GLU A 297 -28.52 -3.11 0.46
N HIS A 298 -27.76 -3.40 1.50
CA HIS A 298 -26.29 -3.64 1.43
C HIS A 298 -25.97 -4.58 0.26
N LYS A 299 -26.55 -5.78 0.24
CA LYS A 299 -26.30 -6.80 -0.80
C LYS A 299 -26.51 -6.20 -2.19
N LYS A 300 -27.54 -5.37 -2.35
CA LYS A 300 -27.88 -4.77 -3.66
C LYS A 300 -26.88 -3.68 -4.00
N LEU A 301 -26.52 -2.85 -3.02
CA LEU A 301 -25.56 -1.74 -3.23
C LEU A 301 -24.18 -2.32 -3.59
N ALA A 302 -23.78 -3.44 -2.97
CA ALA A 302 -22.46 -4.10 -3.16
C ALA A 302 -22.44 -4.78 -4.53
N GLU A 303 -23.51 -5.51 -4.86
CA GLU A 303 -23.70 -6.19 -6.17
C GLU A 303 -23.57 -5.18 -7.31
N ALA A 304 -24.05 -3.95 -7.12
CA ALA A 304 -24.01 -2.87 -8.14
C ALA A 304 -22.57 -2.34 -8.29
N ILE A 305 -21.87 -2.09 -7.18
CA ILE A 305 -20.44 -1.66 -7.26
C ILE A 305 -19.69 -2.69 -8.12
N PHE A 306 -19.77 -3.98 -7.80
CA PHE A 306 -19.02 -5.05 -8.50
C PHE A 306 -19.45 -5.12 -9.97
N LYS A 307 -20.77 -5.25 -10.26
CA LYS A 307 -21.32 -5.39 -11.64
C LYS A 307 -21.03 -4.15 -12.49
N LEU A 308 -21.33 -2.95 -11.98
CA LEU A 308 -21.45 -1.74 -12.82
C LEU A 308 -20.12 -0.98 -12.90
N THR A 309 -19.27 -1.01 -11.87
CA THR A 309 -18.03 -0.19 -11.81
C THR A 309 -16.79 -1.07 -11.91
N TYR A 310 -16.76 -2.27 -11.32
CA TYR A 310 -15.53 -3.11 -11.28
C TYR A 310 -15.48 -4.00 -12.53
N GLN A 311 -16.58 -4.72 -12.84
CA GLN A 311 -16.65 -5.69 -13.96
C GLN A 311 -17.05 -5.03 -15.29
N ASN A 312 -17.29 -3.71 -15.27
CA ASN A 312 -17.50 -2.83 -16.46
C ASN A 312 -17.02 -1.42 -16.12
N LYS A 313 -15.92 -0.96 -16.71
CA LYS A 313 -15.31 0.34 -16.33
C LYS A 313 -15.45 1.34 -17.48
N VAL A 314 -15.55 2.63 -17.14
CA VAL A 314 -15.53 3.77 -18.08
C VAL A 314 -14.43 4.72 -17.60
N VAL A 315 -13.49 5.06 -18.46
CA VAL A 315 -12.25 5.78 -18.06
C VAL A 315 -12.00 6.96 -19.01
N ARG A 316 -11.54 8.08 -18.49
CA ARG A 316 -11.12 9.25 -19.29
C ARG A 316 -9.62 9.50 -19.08
N VAL A 317 -8.86 9.54 -20.17
CA VAL A 317 -7.37 9.52 -20.22
C VAL A 317 -6.89 10.71 -21.06
N GLN A 318 -5.90 11.46 -20.55
CA GLN A 318 -5.28 12.62 -21.25
C GLN A 318 -4.28 12.13 -22.30
N ARG A 319 -4.44 12.57 -23.55
CA ARG A 319 -3.53 12.29 -24.70
C ARG A 319 -3.10 13.62 -25.33
N PRO A 320 -1.78 13.89 -25.48
CA PRO A 320 -1.28 15.18 -26.01
C PRO A 320 -1.52 15.47 -27.50
N THR A 321 -2.00 14.49 -28.27
CA THR A 321 -2.26 14.59 -29.73
C THR A 321 -3.39 15.60 -29.99
N THR A 325 -3.72 18.34 -26.65
CA THR A 325 -4.27 17.62 -25.47
C THR A 325 -5.78 17.40 -25.67
N VAL A 326 -6.20 16.14 -25.82
CA VAL A 326 -7.64 15.72 -25.87
C VAL A 326 -7.92 14.81 -24.66
N MET A 327 -9.14 14.29 -24.56
CA MET A 327 -9.58 13.31 -23.52
C MET A 327 -10.30 12.14 -24.20
N ASP A 328 -9.76 10.92 -24.06
CA ASP A 328 -10.31 9.67 -24.65
C ASP A 328 -11.23 9.01 -23.63
N ILE A 329 -12.35 8.46 -24.08
CA ILE A 329 -13.35 7.76 -23.23
C ILE A 329 -13.30 6.28 -23.60
N ILE A 330 -12.58 5.53 -22.77
CA ILE A 330 -12.24 4.10 -23.04
C ILE A 330 -12.95 3.24 -21.99
N SER A 331 -13.21 1.99 -22.33
CA SER A 331 -13.90 1.01 -21.44
C SER A 331 -13.15 -0.33 -21.48
N ARG A 332 -13.28 -1.12 -20.42
CA ARG A 332 -12.91 -2.56 -20.40
C ARG A 332 -13.55 -3.24 -19.19
N ARG A 333 -13.57 -4.57 -19.23
CA ARG A 333 -14.32 -5.38 -18.25
C ARG A 333 -13.39 -5.87 -17.13
N ASP A 334 -12.15 -6.23 -17.44
CA ASP A 334 -11.20 -6.90 -16.50
C ASP A 334 -10.12 -5.89 -16.04
N GLN A 335 -9.10 -6.39 -15.34
CA GLN A 335 -8.08 -5.61 -14.61
C GLN A 335 -8.67 -4.97 -13.35
N ARG A 336 -7.79 -4.64 -12.42
CA ARG A 336 -8.12 -3.89 -11.19
C ARG A 336 -8.17 -2.40 -11.53
N GLY A 337 -9.25 -1.76 -11.10
CA GLY A 337 -9.51 -0.31 -11.17
C GLY A 337 -10.61 0.03 -10.18
N SER A 338 -10.20 0.38 -8.97
CA SER A 338 -11.08 0.63 -7.80
C SER A 338 -10.40 1.70 -6.96
N GLY A 339 -11.02 2.14 -5.88
CA GLY A 339 -10.33 2.93 -4.85
C GLY A 339 -9.12 2.18 -4.33
N GLN A 340 -8.09 2.93 -3.92
CA GLN A 340 -6.81 2.41 -3.35
C GLN A 340 -7.11 1.43 -2.21
N VAL A 341 -7.98 1.82 -1.27
CA VAL A 341 -8.25 1.00 -0.04
C VAL A 341 -8.98 -0.30 -0.39
N VAL A 342 -10.06 -0.25 -1.20
CA VAL A 342 -10.72 -1.49 -1.67
C VAL A 342 -9.72 -2.36 -2.48
N THR A 343 -8.92 -1.73 -3.34
CA THR A 343 -7.88 -2.43 -4.15
C THR A 343 -6.95 -3.24 -3.24
N TYR A 344 -6.50 -2.66 -2.12
CA TYR A 344 -5.59 -3.32 -1.16
C TYR A 344 -6.26 -4.59 -0.61
N GLY A 345 -7.53 -4.51 -0.21
CA GLY A 345 -8.24 -5.67 0.38
C GLY A 345 -8.48 -6.79 -0.62
N LEU A 346 -8.94 -6.46 -1.81
CA LEU A 346 -9.26 -7.47 -2.84
C LEU A 346 -7.97 -8.05 -3.43
N ASN A 347 -6.90 -7.24 -3.58
CA ASN A 347 -5.55 -7.74 -3.96
C ASN A 347 -5.12 -8.76 -2.91
N THR A 348 -5.25 -8.43 -1.61
CA THR A 348 -4.86 -9.37 -0.53
C THR A 348 -5.69 -10.66 -0.65
N PHE A 349 -7.00 -10.54 -0.87
CA PHE A 349 -7.90 -11.72 -0.96
C PHE A 349 -7.43 -12.66 -2.09
N THR A 350 -7.27 -12.06 -3.27
CA THR A 350 -6.97 -12.83 -4.49
C THR A 350 -5.54 -13.39 -4.43
N ASN A 351 -4.62 -12.68 -3.80
CA ASN A 351 -3.24 -13.17 -3.59
C ASN A 351 -3.26 -14.32 -2.59
N MET A 352 -4.07 -14.25 -1.53
CA MET A 352 -4.14 -15.38 -0.56
C MET A 352 -4.65 -16.61 -1.32
N GLU A 353 -5.62 -16.40 -2.18
CA GLU A 353 -6.28 -17.49 -2.96
C GLU A 353 -5.24 -18.15 -3.87
N ALA A 354 -4.57 -17.33 -4.68
CA ALA A 354 -3.53 -17.77 -5.65
C ALA A 354 -2.43 -18.55 -4.94
N GLN A 355 -1.95 -18.06 -3.79
CA GLN A 355 -0.84 -18.72 -3.07
C GLN A 355 -1.32 -20.03 -2.40
N LEU A 356 -2.56 -20.15 -1.92
CA LEU A 356 -3.09 -21.45 -1.39
C LEU A 356 -3.09 -22.48 -2.53
N ILE A 357 -3.48 -22.05 -3.72
CA ILE A 357 -3.57 -22.95 -4.91
C ILE A 357 -2.15 -23.38 -5.28
N ARG A 358 -1.18 -22.45 -5.32
CA ARG A 358 0.23 -22.82 -5.61
C ARG A 358 0.70 -23.82 -4.56
N GLN A 359 0.39 -23.60 -3.28
CA GLN A 359 0.69 -24.59 -2.21
C GLN A 359 -0.02 -25.93 -2.55
N MET A 360 -1.27 -25.91 -3.02
CA MET A 360 -1.99 -27.19 -3.35
C MET A 360 -1.22 -27.90 -4.49
N GLU A 361 -0.83 -27.17 -5.52
CA GLU A 361 -0.08 -27.76 -6.64
C GLU A 361 1.21 -28.42 -6.14
N GLY A 362 1.98 -27.75 -5.28
CA GLY A 362 3.24 -28.29 -4.77
C GLY A 362 3.00 -29.58 -3.99
N GLU A 363 1.89 -29.66 -3.27
CA GLU A 363 1.60 -30.81 -2.37
C GLU A 363 0.90 -31.94 -3.15
N GLY A 364 0.70 -31.78 -4.46
CA GLY A 364 0.06 -32.79 -5.33
C GLY A 364 -1.40 -33.01 -4.99
N VAL A 365 -2.16 -31.97 -4.63
CA VAL A 365 -3.59 -32.15 -4.21
C VAL A 365 -4.41 -32.37 -5.50
N PHE A 366 -3.96 -31.80 -6.61
CA PHE A 366 -4.51 -31.96 -7.97
C PHE A 366 -3.35 -32.22 -8.93
N LYS A 367 -3.61 -32.80 -10.10
CA LYS A 367 -2.57 -33.33 -11.01
C LYS A 367 -2.45 -32.42 -12.23
N SER A 368 -3.56 -31.83 -12.66
CA SER A 368 -3.61 -30.99 -13.89
C SER A 368 -4.70 -29.93 -13.78
N ILE A 369 -4.39 -28.76 -14.35
CA ILE A 369 -5.25 -27.54 -14.37
C ILE A 369 -6.24 -27.68 -15.53
N GLN A 370 -6.06 -28.69 -16.38
CA GLN A 370 -6.89 -28.84 -17.60
C GLN A 370 -8.33 -29.10 -17.15
N HIS A 371 -8.49 -29.95 -16.12
CA HIS A 371 -9.79 -30.38 -15.58
C HIS A 371 -9.57 -31.03 -14.21
N LEU A 372 -10.42 -30.67 -13.25
CA LEU A 372 -10.53 -31.34 -11.94
C LEU A 372 -11.58 -32.44 -12.06
N THR A 373 -11.22 -33.65 -11.67
CA THR A 373 -12.13 -34.80 -11.57
C THR A 373 -13.03 -34.54 -10.36
N VAL A 374 -14.07 -35.33 -10.18
CA VAL A 374 -15.05 -35.16 -9.07
C VAL A 374 -14.33 -35.42 -7.75
N THR A 375 -13.45 -36.43 -7.70
CA THR A 375 -12.74 -36.84 -6.46
C THR A 375 -11.58 -35.88 -6.17
N GLU A 376 -11.12 -35.11 -7.18
CA GLU A 376 -10.09 -34.04 -6.95
C GLU A 376 -10.81 -32.86 -6.27
N GLU A 377 -11.99 -32.46 -6.76
CA GLU A 377 -12.82 -31.40 -6.14
C GLU A 377 -12.96 -31.66 -4.64
N ILE A 378 -13.30 -32.88 -4.24
CA ILE A 378 -13.51 -33.27 -2.82
C ILE A 378 -12.16 -33.31 -2.09
N ALA A 379 -11.08 -33.72 -2.77
CA ALA A 379 -9.70 -33.71 -2.23
C ALA A 379 -9.28 -32.26 -1.87
N VAL A 380 -9.54 -31.33 -2.79
CA VAL A 380 -9.27 -29.87 -2.62
C VAL A 380 -10.11 -29.33 -1.46
N LYS A 381 -11.44 -29.56 -1.44
CA LYS A 381 -12.31 -29.06 -0.34
C LYS A 381 -11.77 -29.62 0.99
N ASN A 382 -11.35 -30.88 0.99
CA ASN A 382 -10.95 -31.59 2.21
C ASN A 382 -9.62 -31.04 2.73
N TRP A 383 -8.66 -30.78 1.83
CA TRP A 383 -7.37 -30.10 2.17
C TRP A 383 -7.67 -28.77 2.88
N LEU A 384 -8.52 -27.95 2.27
CA LEU A 384 -8.93 -26.62 2.83
C LEU A 384 -9.50 -26.78 4.26
N VAL A 385 -10.49 -27.64 4.46
CA VAL A 385 -11.11 -27.89 5.79
C VAL A 385 -10.03 -28.41 6.75
N ARG A 386 -9.23 -29.38 6.32
CA ARG A 386 -8.25 -30.06 7.19
C ARG A 386 -7.06 -29.14 7.53
N VAL A 387 -6.42 -28.50 6.54
CA VAL A 387 -5.10 -27.81 6.77
C VAL A 387 -5.10 -26.35 6.28
N GLY A 388 -6.16 -25.88 5.61
CA GLY A 388 -6.29 -24.53 5.01
C GLY A 388 -5.79 -23.43 5.96
N ARG A 389 -6.25 -23.44 7.21
CA ARG A 389 -5.88 -22.38 8.19
C ARG A 389 -4.37 -22.50 8.50
N GLU A 390 -3.82 -23.72 8.59
CA GLU A 390 -2.37 -23.90 8.86
C GLU A 390 -1.59 -23.28 7.68
N ARG A 391 -2.08 -23.47 6.47
CA ARG A 391 -1.38 -23.08 5.23
C ARG A 391 -1.44 -21.55 5.09
N LEU A 392 -2.52 -20.92 5.57
CA LEU A 392 -2.67 -19.43 5.55
C LEU A 392 -1.61 -18.84 6.49
N SER A 393 -1.38 -19.52 7.60
CA SER A 393 -0.45 -19.04 8.65
C SER A 393 0.99 -19.15 8.16
N ARG A 394 1.25 -19.86 7.04
CA ARG A 394 2.61 -19.99 6.46
C ARG A 394 2.89 -18.81 5.54
N MET A 395 2.00 -17.81 5.50
CA MET A 395 2.13 -16.70 4.54
C MET A 395 2.01 -15.34 5.25
N ALA A 396 2.71 -14.34 4.70
CA ALA A 396 2.52 -12.91 5.00
C ALA A 396 2.18 -12.21 3.69
N ILE A 397 0.96 -11.67 3.59
CA ILE A 397 0.41 -11.14 2.33
C ILE A 397 -0.12 -9.72 2.57
N SER A 398 0.47 -8.76 1.85
CA SER A 398 0.06 -7.33 1.82
C SER A 398 -0.22 -6.97 0.36
N GLY A 399 -1.52 -6.99 0.01
CA GLY A 399 -1.96 -6.79 -1.39
C GLY A 399 -1.24 -7.76 -2.32
N ASP A 400 -0.53 -7.24 -3.33
CA ASP A 400 0.17 -8.05 -4.36
C ASP A 400 1.49 -8.63 -3.79
N ASP A 401 1.87 -8.25 -2.57
CA ASP A 401 3.20 -8.61 -1.99
C ASP A 401 3.04 -9.83 -1.11
N CYS A 402 3.81 -10.89 -1.32
CA CYS A 402 3.69 -12.10 -0.47
C CYS A 402 5.04 -12.67 -0.07
N VAL A 403 5.03 -13.35 1.06
CA VAL A 403 6.10 -14.27 1.53
C VAL A 403 5.38 -15.57 1.92
N VAL A 404 5.87 -16.68 1.41
CA VAL A 404 5.26 -18.03 1.63
C VAL A 404 6.35 -18.98 2.09
N LYS A 405 6.16 -19.65 3.23
CA LYS A 405 7.02 -20.78 3.67
C LYS A 405 6.24 -22.08 3.50
N PRO A 406 6.33 -22.73 2.30
CA PRO A 406 5.55 -23.93 2.02
C PRO A 406 6.05 -25.14 2.81
N LEU A 407 5.27 -26.22 2.73
CA LEU A 407 5.56 -27.52 3.42
C LEU A 407 6.95 -28.03 2.97
N ASP A 408 7.33 -27.83 1.72
CA ASP A 408 8.65 -28.29 1.21
C ASP A 408 8.94 -27.53 -0.08
N ASP A 409 10.06 -27.83 -0.75
CA ASP A 409 10.50 -27.03 -1.92
C ASP A 409 9.87 -27.49 -3.24
N ARG A 410 8.92 -28.43 -3.23
CA ARG A 410 8.14 -28.76 -4.46
C ARG A 410 7.44 -27.49 -4.96
N PHE A 411 7.03 -26.60 -4.05
CA PHE A 411 6.43 -25.27 -4.34
C PHE A 411 7.23 -24.52 -5.42
N ALA A 412 8.56 -24.55 -5.35
CA ALA A 412 9.47 -23.81 -6.27
C ALA A 412 9.14 -24.06 -7.75
N SER A 413 8.78 -25.28 -8.14
CA SER A 413 8.53 -25.63 -9.57
C SER A 413 7.04 -25.88 -9.81
N ALA A 414 6.17 -25.49 -8.87
CA ALA A 414 4.71 -25.66 -9.00
C ALA A 414 4.16 -24.39 -9.64
N LEU A 415 4.18 -24.29 -10.97
CA LEU A 415 4.00 -23.03 -11.71
C LEU A 415 2.77 -23.06 -12.65
N THR A 416 2.12 -24.21 -12.84
CA THR A 416 1.06 -24.32 -13.87
C THR A 416 -0.15 -23.45 -13.48
N ALA A 417 -0.72 -23.64 -12.28
CA ALA A 417 -1.88 -22.83 -11.81
C ALA A 417 -1.47 -21.35 -11.76
N LEU A 418 -0.30 -21.04 -11.20
CA LEU A 418 0.13 -19.63 -11.01
C LEU A 418 0.16 -18.94 -12.38
N ASN A 419 0.76 -19.58 -13.38
CA ASN A 419 0.92 -18.96 -14.72
C ASN A 419 -0.46 -18.91 -15.39
N ASP A 420 -1.26 -19.97 -15.26
CA ASP A 420 -2.60 -20.03 -15.93
C ASP A 420 -3.59 -19.03 -15.29
N MET A 421 -3.46 -18.71 -14.00
CA MET A 421 -4.29 -17.66 -13.34
C MET A 421 -3.86 -16.29 -13.87
N GLY A 422 -2.74 -16.20 -14.59
CA GLY A 422 -2.19 -14.92 -15.14
C GLY A 422 -1.22 -14.23 -14.20
N LYS A 423 -0.89 -14.83 -13.05
CA LYS A 423 0.00 -14.20 -12.03
C LYS A 423 1.48 -14.54 -12.32
N VAL A 424 1.93 -14.10 -13.50
CA VAL A 424 3.30 -14.35 -14.06
C VAL A 424 4.32 -13.62 -13.19
N ARG A 425 5.37 -14.35 -12.76
CA ARG A 425 6.43 -13.81 -11.86
C ARG A 425 7.27 -12.80 -12.65
N LYS A 426 7.73 -11.76 -11.94
CA LYS A 426 8.61 -10.68 -12.46
C LYS A 426 10.07 -11.20 -12.55
N ASP A 427 10.80 -10.85 -13.61
CA ASP A 427 12.30 -10.97 -13.69
C ASP A 427 12.75 -12.43 -13.54
N ILE A 428 12.07 -13.35 -14.22
CA ILE A 428 12.42 -14.79 -14.25
C ILE A 428 11.63 -15.40 -15.40
N GLN A 429 12.16 -16.41 -16.08
CA GLN A 429 11.50 -17.02 -17.26
C GLN A 429 10.33 -17.87 -16.76
N GLN A 430 9.28 -17.98 -17.57
CA GLN A 430 7.95 -18.53 -17.17
C GLN A 430 8.09 -19.84 -16.40
N TRP A 431 8.99 -20.75 -16.81
CA TRP A 431 8.97 -22.13 -16.30
C TRP A 431 10.22 -22.41 -15.48
N GLU A 432 11.05 -21.39 -15.24
CA GLU A 432 12.24 -21.52 -14.37
C GLU A 432 11.73 -21.59 -12.92
N PRO A 433 12.21 -22.56 -12.12
CA PRO A 433 11.76 -22.70 -10.74
C PRO A 433 12.12 -21.46 -9.91
N SER A 434 11.25 -21.04 -8.98
CA SER A 434 11.50 -19.91 -8.06
C SER A 434 12.78 -20.18 -7.26
N ARG A 435 13.58 -19.14 -7.00
CA ARG A 435 14.66 -19.20 -5.98
C ARG A 435 14.13 -18.69 -4.63
N GLY A 436 14.28 -19.49 -3.60
CA GLY A 436 13.82 -19.19 -2.24
C GLY A 436 14.94 -18.60 -1.40
N TRP A 437 14.60 -18.11 -0.22
CA TRP A 437 15.54 -17.49 0.73
C TRP A 437 15.71 -18.46 1.88
N ASN A 438 16.95 -18.69 2.29
CA ASN A 438 17.28 -19.61 3.40
C ASN A 438 17.24 -18.89 4.73
N ASP A 439 17.14 -17.56 4.78
CA ASP A 439 17.25 -16.83 6.08
C ASP A 439 16.20 -15.71 6.03
N TRP A 440 15.32 -15.69 7.02
CA TRP A 440 14.20 -14.72 7.08
C TRP A 440 14.74 -13.28 7.07
N THR A 441 15.96 -13.06 7.54
CA THR A 441 16.58 -11.71 7.62
C THR A 441 16.98 -11.23 6.22
N GLN A 442 16.92 -12.08 5.21
CA GLN A 442 17.28 -11.74 3.81
C GLN A 442 16.04 -11.50 2.96
N VAL A 443 14.87 -11.94 3.41
CA VAL A 443 13.61 -11.93 2.61
C VAL A 443 13.14 -10.49 2.40
N PRO A 444 12.83 -10.08 1.15
CA PRO A 444 12.22 -8.77 0.93
C PRO A 444 10.70 -8.81 1.20
N PHE A 445 10.15 -7.78 1.83
CA PHE A 445 8.68 -7.68 2.05
C PHE A 445 8.35 -6.22 2.31
N CYS A 446 7.37 -5.70 1.57
CA CYS A 446 6.87 -4.29 1.67
C CYS A 446 8.06 -3.33 1.63
N SER A 447 8.95 -3.53 0.65
CA SER A 447 10.11 -2.66 0.34
C SER A 447 11.20 -2.68 1.43
N HIS A 448 11.16 -3.60 2.37
CA HIS A 448 12.12 -3.69 3.48
C HIS A 448 12.78 -5.07 3.54
N HIS A 449 13.84 -5.15 4.33
CA HIS A 449 14.30 -6.40 4.97
C HIS A 449 14.38 -6.12 6.45
N PHE A 450 14.71 -7.12 7.23
CA PHE A 450 14.57 -7.07 8.70
C PHE A 450 15.82 -7.65 9.34
N HIS A 451 16.30 -6.94 10.37
CA HIS A 451 17.49 -7.32 11.15
C HIS A 451 17.08 -7.80 12.53
N GLU A 452 17.83 -8.75 13.08
CA GLU A 452 17.73 -9.18 14.50
C GLU A 452 18.80 -8.43 15.30
N LEU A 453 18.41 -7.61 16.26
CA LEU A 453 19.33 -6.64 16.89
C LEU A 453 19.27 -6.85 18.40
N ILE A 454 20.40 -7.17 19.02
CA ILE A 454 20.39 -7.58 20.45
C ILE A 454 20.80 -6.37 21.29
N MET A 455 19.94 -5.99 22.22
CA MET A 455 20.19 -4.87 23.15
C MET A 455 21.28 -5.30 24.14
N LYS A 456 22.04 -4.33 24.64
N LYS A 456 22.03 -4.33 24.66
CA LYS A 456 23.10 -4.53 25.67
CA LYS A 456 23.10 -4.55 25.66
C LYS A 456 22.54 -5.37 26.83
C LYS A 456 22.53 -5.39 26.83
N ASP A 457 21.25 -5.21 27.15
CA ASP A 457 20.58 -5.97 28.24
C ASP A 457 20.02 -7.33 27.78
N GLY A 458 20.37 -7.82 26.58
CA GLY A 458 20.01 -9.18 26.15
C GLY A 458 18.67 -9.26 25.42
N ARG A 459 17.80 -8.24 25.47
CA ARG A 459 16.46 -8.37 24.85
C ARG A 459 16.65 -8.25 23.33
N VAL A 460 15.69 -8.78 22.58
CA VAL A 460 15.78 -8.90 21.10
C VAL A 460 14.81 -7.96 20.40
N LEU A 461 15.37 -7.10 19.52
CA LEU A 461 14.55 -6.26 18.62
C LEU A 461 14.62 -6.85 17.21
N VAL A 462 13.49 -6.94 16.54
CA VAL A 462 13.47 -7.25 15.08
C VAL A 462 13.09 -5.95 14.40
N VAL A 463 14.01 -5.38 13.64
CA VAL A 463 13.85 -3.98 13.13
C VAL A 463 13.75 -3.95 11.61
N PRO A 464 12.95 -2.99 11.07
CA PRO A 464 12.83 -2.79 9.63
C PRO A 464 14.02 -2.01 9.05
N CYS A 465 14.33 -2.24 7.77
CA CYS A 465 15.54 -1.62 7.16
C CYS A 465 15.37 -1.56 5.66
N ARG A 466 15.98 -0.57 5.03
CA ARG A 466 16.15 -0.59 3.56
C ARG A 466 17.32 0.31 3.24
N ASN A 467 17.76 0.25 1.98
CA ASN A 467 18.97 1.00 1.58
C ASN A 467 18.78 2.47 2.03
N GLN A 468 19.79 3.07 2.68
CA GLN A 468 19.60 4.38 3.33
C GLN A 468 19.44 5.50 2.29
N ASP A 469 20.01 5.36 1.10
CA ASP A 469 19.79 6.37 0.03
C ASP A 469 18.30 6.52 -0.26
N GLU A 470 17.54 5.42 -0.23
CA GLU A 470 16.09 5.44 -0.54
C GLU A 470 15.38 6.25 0.56
N LEU A 471 15.77 6.05 1.81
CA LEU A 471 15.09 6.73 2.94
C LEU A 471 15.37 8.25 2.88
N ILE A 472 16.63 8.61 2.70
CA ILE A 472 17.02 10.04 2.66
C ILE A 472 16.41 10.71 1.42
N GLY A 473 16.49 10.05 0.27
CA GLY A 473 15.94 10.58 -0.97
C GLY A 473 14.43 10.87 -0.87
N ARG A 474 13.67 10.00 -0.20
CA ARG A 474 12.20 10.19 -0.06
C ARG A 474 11.91 11.35 0.91
N ALA A 475 12.65 11.49 2.01
CA ALA A 475 12.42 12.53 3.06
C ALA A 475 12.74 13.91 2.45
N ARG A 476 13.55 13.96 1.39
CA ARG A 476 13.92 15.24 0.72
C ARG A 476 12.85 15.69 -0.29
N ILE A 477 11.76 14.93 -0.45
CA ILE A 477 10.72 15.25 -1.46
C ILE A 477 9.41 15.62 -0.77
N SER A 478 8.72 16.61 -1.34
N SER A 478 8.70 16.61 -1.33
CA SER A 478 7.30 16.96 -1.04
CA SER A 478 7.29 16.95 -1.00
C SER A 478 6.47 16.86 -2.32
C SER A 478 6.47 17.03 -2.29
N GLN A 479 5.14 16.83 -2.19
CA GLN A 479 4.21 16.86 -3.35
C GLN A 479 3.28 18.06 -3.14
N GLY A 480 2.84 18.69 -4.22
CA GLY A 480 1.82 19.76 -4.20
C GLY A 480 2.40 21.14 -3.94
N ALA A 481 1.55 22.16 -4.15
CA ALA A 481 1.91 23.60 -4.16
C ALA A 481 1.49 24.26 -2.84
N GLY A 482 1.96 25.48 -2.62
CA GLY A 482 1.48 26.39 -1.56
C GLY A 482 2.03 26.03 -0.20
N TRP A 483 3.16 25.30 -0.11
CA TRP A 483 3.75 24.93 1.21
C TRP A 483 4.40 26.17 1.86
N SER A 484 3.95 26.57 3.04
CA SER A 484 4.65 27.56 3.86
C SER A 484 5.96 26.96 4.37
N LEU A 485 6.86 27.77 4.93
CA LEU A 485 8.06 27.23 5.61
C LEU A 485 7.66 26.38 6.83
N ARG A 486 6.66 26.84 7.61
CA ARG A 486 6.19 26.06 8.75
C ARG A 486 5.65 24.72 8.27
N GLU A 487 4.85 24.65 7.20
CA GLU A 487 4.30 23.35 6.75
C GLU A 487 5.44 22.43 6.26
N THR A 488 6.46 23.01 5.60
CA THR A 488 7.63 22.23 5.09
C THR A 488 8.41 21.67 6.30
N ALA A 489 8.63 22.51 7.32
CA ALA A 489 9.31 22.10 8.57
C ALA A 489 8.56 20.94 9.24
N CYS A 490 7.22 21.00 9.31
CA CYS A 490 6.39 20.01 10.03
C CYS A 490 6.42 18.66 9.26
N LEU A 491 6.47 18.69 7.93
CA LEU A 491 6.72 17.45 7.13
C LEU A 491 8.13 16.90 7.37
N GLY A 492 9.16 17.73 7.46
CA GLY A 492 10.49 17.22 7.84
C GLY A 492 10.47 16.56 9.19
N LYS A 493 9.76 17.16 10.14
CA LYS A 493 9.62 16.61 11.50
C LYS A 493 8.92 15.25 11.47
N SER A 494 7.90 15.03 10.64
CA SER A 494 7.25 13.71 10.49
C SER A 494 8.30 12.69 10.05
N TYR A 495 9.12 12.99 9.03
CA TYR A 495 10.16 12.04 8.57
C TYR A 495 11.14 11.76 9.72
N ALA A 496 11.61 12.80 10.39
CA ALA A 496 12.58 12.66 11.51
C ALA A 496 12.02 11.73 12.59
N GLN A 497 10.77 11.94 13.03
CA GLN A 497 10.17 11.10 14.09
C GLN A 497 9.97 9.65 13.59
N MET A 498 9.65 9.45 12.29
CA MET A 498 9.56 8.07 11.73
C MET A 498 10.94 7.43 11.84
N TRP A 499 11.97 8.14 11.46
CA TRP A 499 13.36 7.62 11.56
C TRP A 499 13.71 7.22 13.01
N SER A 500 13.41 8.08 13.99
N SER A 500 13.39 8.08 13.99
CA SER A 500 13.71 7.81 15.41
CA SER A 500 13.71 7.82 15.42
C SER A 500 13.09 6.42 15.79
C SER A 500 13.08 6.45 15.84
N LEU A 501 11.77 6.29 15.41
CA LEU A 501 10.95 5.10 15.84
C LEU A 501 11.28 3.80 15.06
N MET A 502 11.51 3.87 13.77
CA MET A 502 11.63 2.70 12.90
C MET A 502 13.10 2.44 12.54
N TYR A 503 13.92 3.48 12.39
CA TYR A 503 15.28 3.35 11.79
C TYR A 503 16.36 3.91 12.73
N PHE A 504 16.10 3.91 14.05
CA PHE A 504 17.00 4.37 15.12
C PHE A 504 18.36 3.64 15.06
N HIS A 505 18.37 2.45 14.46
CA HIS A 505 19.53 1.53 14.40
C HIS A 505 20.52 1.91 13.29
N ARG A 506 20.17 2.91 12.47
CA ARG A 506 21.02 3.44 11.38
C ARG A 506 21.67 4.71 11.94
N ARG A 507 22.98 4.69 12.17
CA ARG A 507 23.75 5.84 12.74
C ARG A 507 23.36 7.16 12.06
N ASP A 508 23.37 7.25 10.73
CA ASP A 508 23.13 8.52 10.03
C ASP A 508 21.69 9.02 10.28
N LEU A 509 20.71 8.11 10.34
CA LEU A 509 19.30 8.54 10.45
C LEU A 509 19.02 8.94 11.88
N ARG A 510 19.62 8.31 12.88
CA ARG A 510 19.34 8.77 14.27
C ARG A 510 19.96 10.17 14.44
N LEU A 511 21.14 10.42 13.88
CA LEU A 511 21.80 11.75 13.96
C LEU A 511 20.96 12.78 13.19
N ALA A 512 20.54 12.48 11.97
CA ALA A 512 19.78 13.45 11.13
C ALA A 512 18.40 13.70 11.79
N ALA A 513 17.77 12.67 12.32
CA ALA A 513 16.47 12.82 13.02
C ALA A 513 16.61 13.77 14.21
N ASN A 514 17.62 13.56 15.05
CA ASN A 514 17.90 14.47 16.19
C ASN A 514 18.14 15.90 15.69
N ALA A 515 18.90 16.08 14.61
CA ALA A 515 19.19 17.42 14.04
C ALA A 515 17.88 18.08 13.57
N ILE A 516 17.05 17.39 12.82
CA ILE A 516 15.79 17.98 12.29
C ILE A 516 14.89 18.33 13.49
N CYS A 517 14.75 17.45 14.47
CA CYS A 517 13.90 17.72 15.66
C CYS A 517 14.49 18.88 16.47
N SER A 518 15.79 19.14 16.38
CA SER A 518 16.41 20.29 17.09
C SER A 518 16.16 21.58 16.31
N ALA A 519 15.98 21.49 15.00
CA ALA A 519 15.91 22.65 14.07
C ALA A 519 14.47 23.13 13.90
N VAL A 520 13.49 22.28 14.20
CA VAL A 520 12.06 22.62 14.04
C VAL A 520 11.52 22.98 15.43
N PRO A 521 10.73 24.06 15.59
CA PRO A 521 10.21 24.37 16.92
C PRO A 521 9.56 23.17 17.63
N SER A 522 9.88 22.98 18.91
N SER A 522 9.88 23.00 18.92
CA SER A 522 9.56 21.78 19.74
CA SER A 522 9.55 21.84 19.79
C SER A 522 8.05 21.48 19.71
C SER A 522 8.06 21.50 19.72
N HIS A 523 7.19 22.50 19.76
CA HIS A 523 5.71 22.30 19.85
C HIS A 523 5.03 22.22 18.51
N TRP A 524 5.72 22.48 17.40
CA TRP A 524 5.05 22.40 16.08
C TRP A 524 4.69 20.92 15.78
N VAL A 525 3.52 20.72 15.21
CA VAL A 525 2.90 19.39 15.07
C VAL A 525 3.33 18.79 13.72
N PRO A 526 3.87 17.57 13.72
CA PRO A 526 4.18 16.92 12.43
C PRO A 526 2.96 16.75 11.53
N THR A 527 3.16 16.89 10.22
CA THR A 527 2.10 16.79 9.19
C THR A 527 2.54 15.96 8.00
N SER A 528 1.55 15.48 7.28
CA SER A 528 1.62 14.84 5.95
C SER A 528 0.37 15.28 5.20
N ARG A 529 0.39 15.32 3.87
CA ARG A 529 -0.82 15.62 3.04
C ARG A 529 -1.50 14.31 2.61
N THR A 530 -0.76 13.20 2.41
CA THR A 530 -1.32 11.83 2.31
C THR A 530 -0.86 11.02 3.53
N THR A 531 -1.81 10.50 4.31
CA THR A 531 -1.59 9.77 5.58
C THR A 531 -1.31 8.30 5.30
N HIS A 535 -2.80 0.80 5.78
CA HIS A 535 -2.82 -0.57 6.36
C HIS A 535 -1.70 -0.72 7.41
N ALA A 536 -1.20 0.38 7.97
CA ALA A 536 -0.09 0.43 8.95
C ALA A 536 -0.30 1.57 9.94
N THR A 537 0.41 1.53 11.08
CA THR A 537 0.27 2.48 12.21
C THR A 537 1.42 3.50 12.18
N HIS A 538 1.09 4.79 12.10
CA HIS A 538 2.07 5.91 12.10
C HIS A 538 2.14 6.51 13.51
N GLU A 539 2.80 5.79 14.42
CA GLU A 539 2.98 6.18 15.86
C GLU A 539 3.84 7.45 15.95
N TRP A 540 4.62 7.77 14.92
CA TRP A 540 5.51 8.97 14.92
C TRP A 540 4.71 10.26 14.70
N MET A 541 3.44 10.18 14.34
CA MET A 541 2.63 11.39 14.08
C MET A 541 2.03 11.86 15.44
N THR A 542 2.82 12.62 16.21
CA THR A 542 2.53 12.94 17.63
C THR A 542 3.49 14.02 18.10
N THR A 543 3.14 14.80 19.13
CA THR A 543 4.07 15.75 19.81
C THR A 543 4.56 15.16 21.15
N GLU A 544 4.16 13.95 21.48
CA GLU A 544 4.71 13.19 22.63
C GLU A 544 6.23 12.99 22.44
N ASP A 545 6.94 12.91 23.56
CA ASP A 545 8.39 12.67 23.63
C ASP A 545 8.71 11.34 22.90
N MET A 546 9.66 11.33 21.97
CA MET A 546 9.90 10.14 21.10
C MET A 546 10.48 8.99 21.94
N LEU A 547 11.17 9.25 23.06
CA LEU A 547 11.63 8.12 23.92
C LEU A 547 10.41 7.42 24.51
N THR A 548 9.42 8.16 25.00
CA THR A 548 8.18 7.59 25.56
C THR A 548 7.46 6.76 24.47
N VAL A 549 7.37 7.27 23.25
CA VAL A 549 6.72 6.54 22.14
C VAL A 549 7.54 5.28 21.82
N TRP A 550 8.87 5.38 21.86
CA TRP A 550 9.75 4.22 21.55
C TRP A 550 9.46 3.12 22.59
N ASN A 551 9.41 3.49 23.87
CA ASN A 551 9.15 2.50 24.95
C ASN A 551 7.78 1.87 24.73
N ARG A 552 6.75 2.64 24.38
CA ARG A 552 5.40 2.09 24.21
C ARG A 552 5.43 1.05 23.06
N VAL A 553 6.07 1.37 21.94
CA VAL A 553 5.96 0.59 20.67
C VAL A 553 6.86 -0.66 20.80
N TRP A 554 8.10 -0.49 21.27
CA TRP A 554 9.10 -1.57 21.20
C TRP A 554 9.12 -2.41 22.47
N ILE A 555 8.62 -1.90 23.60
CA ILE A 555 8.69 -2.65 24.90
C ILE A 555 7.26 -2.95 25.37
N GLN A 556 6.50 -1.93 25.77
CA GLN A 556 5.22 -2.11 26.51
C GLN A 556 4.23 -2.94 25.66
N GLU A 557 3.97 -2.53 24.42
CA GLU A 557 2.90 -3.12 23.57
C GLU A 557 3.48 -4.19 22.60
N ASN A 558 4.76 -4.50 22.72
CA ASN A 558 5.43 -5.47 21.82
C ASN A 558 5.16 -6.89 22.34
N PRO A 559 4.27 -7.68 21.70
CA PRO A 559 3.92 -9.01 22.22
C PRO A 559 5.08 -10.02 22.16
N TRP A 560 6.17 -9.71 21.46
CA TRP A 560 7.35 -10.61 21.40
C TRP A 560 8.38 -10.29 22.49
N MET A 561 8.17 -9.27 23.34
CA MET A 561 9.13 -8.80 24.39
C MET A 561 8.53 -9.20 25.77
N GLU A 562 9.06 -10.22 26.44
CA GLU A 562 8.47 -10.68 27.72
C GLU A 562 8.82 -9.69 28.85
N ASP A 563 10.08 -9.26 28.96
CA ASP A 563 10.56 -8.30 29.98
C ASP A 563 10.11 -6.89 29.61
N LYS A 564 9.27 -6.25 30.43
CA LYS A 564 8.67 -4.93 30.12
C LYS A 564 9.46 -3.79 30.78
N THR A 565 10.72 -4.02 31.17
CA THR A 565 11.52 -2.97 31.84
C THR A 565 11.71 -1.80 30.88
N PRO A 566 11.25 -0.57 31.21
CA PRO A 566 11.41 0.57 30.32
C PRO A 566 12.88 0.90 30.06
N VAL A 567 13.16 1.46 28.89
CA VAL A 567 14.49 2.00 28.56
C VAL A 567 14.52 3.45 29.08
N GLU A 568 15.60 3.88 29.73
CA GLU A 568 15.67 5.20 30.43
C GLU A 568 16.33 6.28 29.56
N SER A 569 17.12 5.90 28.56
CA SER A 569 17.75 6.87 27.64
C SER A 569 18.01 6.26 26.28
N TRP A 570 18.20 7.11 25.30
CA TRP A 570 18.51 6.69 23.91
C TRP A 570 19.82 5.89 23.88
N GLU A 571 20.74 6.06 24.83
CA GLU A 571 22.04 5.33 24.81
C GLU A 571 21.85 3.83 25.06
N GLU A 572 20.78 3.40 25.70
CA GLU A 572 20.42 1.96 25.84
C GLU A 572 19.95 1.35 24.51
N ILE A 573 19.62 2.16 23.50
CA ILE A 573 18.95 1.67 22.26
C ILE A 573 20.06 1.43 21.23
N PRO A 574 20.26 0.17 20.78
CA PRO A 574 21.41 -0.17 19.95
C PRO A 574 21.32 0.29 18.48
N TYR A 575 22.47 0.18 17.82
CA TYR A 575 22.64 0.33 16.36
C TYR A 575 22.94 -1.04 15.76
N LEU A 576 22.75 -1.17 14.44
CA LEU A 576 23.36 -2.27 13.66
C LEU A 576 24.87 -2.26 13.91
N GLY A 577 25.55 -3.37 13.66
CA GLY A 577 27.02 -3.41 13.49
C GLY A 577 27.48 -2.33 12.52
N LYS A 578 28.62 -1.72 12.76
CA LYS A 578 29.11 -0.65 11.86
C LYS A 578 29.24 -1.16 10.42
N ARG A 579 29.74 -2.37 10.20
CA ARG A 579 29.92 -2.93 8.85
C ARG A 579 28.55 -3.18 8.22
N GLU A 580 27.59 -3.69 8.98
CA GLU A 580 26.19 -3.90 8.48
C GLU A 580 25.53 -2.56 8.13
N ASP A 581 25.80 -1.50 8.91
CA ASP A 581 25.25 -0.15 8.66
C ASP A 581 25.78 0.36 7.30
N GLN A 582 27.08 0.15 7.04
CA GLN A 582 27.72 0.49 5.75
C GLN A 582 27.09 -0.33 4.64
N TRP A 583 26.94 -1.65 4.82
CA TRP A 583 26.28 -2.54 3.82
C TRP A 583 24.92 -1.96 3.40
N CYS A 584 24.13 -1.46 4.37
CA CYS A 584 22.78 -0.94 4.11
C CYS A 584 22.80 0.57 3.79
N GLY A 585 23.97 1.15 3.45
CA GLY A 585 24.11 2.44 2.76
C GLY A 585 24.62 3.57 3.65
N SER A 586 25.05 3.30 4.89
CA SER A 586 25.61 4.32 5.82
C SER A 586 26.82 5.01 5.17
N LEU A 587 26.99 6.28 5.48
CA LEU A 587 28.20 7.05 5.09
C LEU A 587 29.19 7.09 6.24
N ILE A 588 28.96 6.38 7.35
CA ILE A 588 29.94 6.33 8.48
C ILE A 588 31.30 5.92 7.90
N GLY A 589 32.38 6.64 8.21
CA GLY A 589 33.71 6.35 7.67
C GLY A 589 34.12 7.34 6.58
N LEU A 590 33.18 8.04 5.95
CA LEU A 590 33.55 9.06 4.95
C LEU A 590 33.89 10.38 5.66
N THR A 591 34.82 11.11 5.06
CA THR A 591 35.21 12.48 5.47
C THR A 591 34.01 13.43 5.40
N SER A 592 33.21 13.41 4.33
CA SER A 592 31.98 14.25 4.25
C SER A 592 31.09 14.01 5.48
N ARG A 593 30.90 12.77 5.90
CA ARG A 593 29.96 12.42 7.00
C ARG A 593 30.56 12.89 8.33
N ALA A 594 31.86 12.70 8.55
CA ALA A 594 32.56 13.12 9.79
C ALA A 594 32.42 14.65 9.97
N THR A 595 32.60 15.43 8.90
CA THR A 595 32.50 16.91 8.95
C THR A 595 31.06 17.31 9.28
N TRP A 596 30.10 16.69 8.61
CA TRP A 596 28.65 16.91 8.90
C TRP A 596 28.36 16.66 10.39
N ALA A 597 28.72 15.49 10.94
CA ALA A 597 28.42 15.12 12.34
C ALA A 597 29.09 16.11 13.31
N LYS A 598 30.36 16.43 13.07
CA LYS A 598 31.14 17.35 13.94
C LYS A 598 30.52 18.74 13.99
N ASN A 599 30.09 19.26 12.85
CA ASN A 599 29.58 20.64 12.66
C ASN A 599 28.03 20.68 12.67
N ILE A 600 27.36 19.67 13.21
CA ILE A 600 25.88 19.58 13.07
C ILE A 600 25.18 20.81 13.69
N GLN A 601 25.69 21.34 14.80
N GLN A 601 25.69 21.35 14.79
CA GLN A 601 25.05 22.51 15.47
CA GLN A 601 25.05 22.50 15.46
C GLN A 601 24.92 23.65 14.41
C GLN A 601 24.93 23.67 14.43
N THR A 602 26.03 23.88 13.64
CA THR A 602 26.05 24.96 12.61
C THR A 602 24.90 24.79 11.59
N ALA A 603 24.59 23.57 11.20
CA ALA A 603 23.51 23.25 10.25
C ALA A 603 22.18 23.52 10.94
N ILE A 604 22.07 23.05 12.18
CA ILE A 604 20.83 23.23 12.99
C ILE A 604 20.54 24.74 13.08
N ASN A 605 21.58 25.53 13.38
CA ASN A 605 21.47 27.00 13.58
C ASN A 605 21.07 27.67 12.25
N GLN A 606 21.57 27.16 11.12
CA GLN A 606 21.20 27.73 9.80
C GLN A 606 19.69 27.63 9.60
N VAL A 607 19.11 26.47 9.87
CA VAL A 607 17.65 26.24 9.73
C VAL A 607 16.87 27.10 10.78
N ARG A 608 17.31 27.09 12.04
CA ARG A 608 16.66 27.91 13.11
C ARG A 608 16.61 29.38 12.68
N SER A 609 17.71 29.90 12.12
CA SER A 609 17.78 31.31 11.65
C SER A 609 16.78 31.57 10.52
N LEU A 610 16.54 30.59 9.63
CA LEU A 610 15.54 30.75 8.54
C LEU A 610 14.12 30.76 9.12
N ILE A 611 13.83 29.87 10.07
CA ILE A 611 12.46 29.71 10.62
C ILE A 611 12.17 30.93 11.53
N GLY A 612 13.18 31.36 12.29
CA GLY A 612 13.13 32.60 13.10
C GLY A 612 13.14 32.34 14.60
N ASN A 613 12.69 33.32 15.37
CA ASN A 613 12.80 33.32 16.85
C ASN A 613 11.60 32.55 17.44
N GLU A 614 11.78 31.26 17.68
CA GLU A 614 10.76 30.28 18.06
C GLU A 614 11.36 29.55 19.26
N GLU A 615 10.60 28.70 19.90
CA GLU A 615 11.12 27.88 21.02
C GLU A 615 11.61 26.57 20.40
N TYR A 616 12.89 26.28 20.57
CA TYR A 616 13.59 25.05 20.10
C TYR A 616 14.16 24.28 21.29
N THR A 617 14.30 22.96 21.13
CA THR A 617 14.98 22.03 22.09
C THR A 617 16.23 21.45 21.42
N ASP A 618 17.33 21.33 22.16
CA ASP A 618 18.55 20.63 21.66
C ASP A 618 18.41 19.13 21.97
N TYR A 619 18.16 18.30 20.96
CA TYR A 619 18.13 16.82 21.15
C TYR A 619 19.49 16.17 20.88
N MET A 620 20.54 16.89 20.46
CA MET A 620 21.82 16.21 20.12
C MET A 620 22.45 15.55 21.36
N PRO A 621 22.44 16.13 22.59
CA PRO A 621 23.03 15.46 23.76
C PRO A 621 22.39 14.14 24.24
N SER A 622 21.27 13.70 23.63
CA SER A 622 20.70 12.33 23.76
C SER A 622 21.65 11.31 23.12
N MET A 623 22.62 11.77 22.33
CA MET A 623 23.65 10.92 21.68
C MET A 623 24.97 11.05 22.44
N LYS A 624 25.63 9.92 22.74
CA LYS A 624 26.91 9.84 23.52
C LYS A 624 27.92 10.91 23.06
N ARG A 625 28.16 11.05 21.75
CA ARG A 625 29.24 11.93 21.22
C ARG A 625 28.96 13.43 21.46
N PHE A 626 27.71 13.85 21.68
CA PHE A 626 27.36 15.28 21.95
C PHE A 626 27.07 15.45 23.45
N ARG A 627 26.98 14.34 24.18
CA ARG A 627 26.93 14.33 25.67
C ARG A 627 28.37 14.47 26.18
N ARG A 628 28.97 15.67 26.02
CA ARG A 628 30.32 16.05 26.52
C ARG A 628 31.38 15.05 26.07
ZN ZN B . 19.57 -3.39 6.48
ZN ZN C . -22.78 4.60 -10.56
O1 MES D . 13.41 28.72 2.76
O1 MES D . 13.27 28.21 2.67
C2 MES D . 14.31 29.23 1.79
C2 MES D . 14.24 28.72 1.78
C3 MES D . 14.67 28.15 0.78
C3 MES D . 15.01 27.59 1.11
N4 MES D . 15.34 27.00 1.48
N4 MES D . 15.69 26.76 2.17
C5 MES D . 14.43 26.51 2.56
C5 MES D . 14.65 26.28 3.14
C6 MES D . 13.99 27.64 3.47
C6 MES D . 13.90 27.45 3.70
C7 MES D . 15.74 25.90 0.51
C7 MES D . 16.47 25.63 1.58
C8 MES D . 16.93 25.01 0.93
C8 MES D . 16.13 25.34 0.13
S MES D . 17.58 23.85 -0.35
S MES D . 17.34 24.29 -0.66
O1S MES D . 18.33 24.62 -1.29
O1S MES D . 18.57 24.52 0.05
O2S MES D . 18.36 22.90 0.35
O2S MES D . 16.86 22.95 -0.52
O3S MES D . 16.41 23.22 -0.94
O3S MES D . 17.40 24.71 -2.03
S DMS E . 14.18 13.60 18.81
O DMS E . 14.62 12.63 20.00
C1 DMS E . 12.46 13.87 19.02
C2 DMS E . 14.07 12.46 17.43
S DMS F . 24.93 3.14 22.05
O DMS F . 23.51 2.78 21.69
C1 DMS F . 25.08 4.90 21.85
C2 DMS F . 25.98 2.62 20.71
S DMS G . 5.81 10.47 6.57
O DMS G . 4.70 10.35 7.59
C1 DMS G . 5.96 8.83 5.94
C2 DMS G . 7.29 10.45 7.49
P PO4 H . 7.92 -9.70 -2.43
O1 PO4 H . 9.36 -10.01 -3.20
O2 PO4 H . 6.77 -10.70 -3.04
O3 PO4 H . 8.01 -10.00 -0.82
O4 PO4 H . 7.63 -8.26 -2.63
C1 PEG I . 25.27 2.50 -4.37
O1 PEG I . 25.91 1.87 -5.46
C2 PEG I . 26.24 3.15 -3.43
O2 PEG I . 27.06 2.17 -2.81
C3 PEG I . 26.90 2.09 -1.39
C4 PEG I . 28.06 1.36 -0.79
O4 PEG I . 29.24 2.17 -0.75
P PO4 J . -25.27 -13.22 -6.35
O1 PO4 J . -24.46 -12.44 -7.41
O2 PO4 J . -24.91 -14.71 -6.43
O3 PO4 J . -24.92 -12.70 -4.93
O4 PO4 J . -26.78 -13.05 -6.61
C1 PEG K . 1.74 -12.85 17.74
O1 PEG K . 1.22 -11.84 18.59
C2 PEG K . 2.45 -13.91 18.50
O2 PEG K . 3.19 -13.32 19.57
C3 PEG K . 3.37 -14.19 20.68
C4 PEG K . 4.80 -14.58 20.81
O4 PEG K . 5.33 -14.32 22.10
N1 A1BDN L . 0.69 -1.32 -2.06
C4 A1BDN L . 3.20 -3.42 -0.69
C5 A1BDN L . 2.71 -2.72 -1.96
C6 A1BDN L . -0.65 -1.11 -2.29
C7 A1BDN L . -1.27 0.10 -1.98
C8 A1BDN L . -2.61 0.29 -2.27
C10 A1BDN L . -2.75 -1.91 -3.20
N A1BDN L . 0.51 -3.54 -2.81
C A1BDN L . -0.78 -3.43 -3.18
O A1BDN L . -1.37 -4.35 -3.74
C1 A1BDN L . 1.17 -2.68 -1.83
C11 A1BDN L . -1.41 -2.13 -2.89
C2 A1BDN L . 0.86 -3.12 -0.40
C3 A1BDN L . 2.20 -3.09 0.32
C9 A1BDN L . -3.34 -0.69 -2.89
#